data_6ADD
#
_entry.id   6ADD
#
_cell.length_a   82.385
_cell.length_b   82.385
_cell.length_c   114.899
_cell.angle_alpha   90.000
_cell.angle_beta   90.000
_cell.angle_gamma   90.000
#
_symmetry.space_group_name_H-M   'P 41 21 2'
#
loop_
_entity.id
_entity.type
_entity.pdbx_description
1 polymer 'Amino-acid acetyltransferase'
2 non-polymer 'COENZYME A'
3 non-polymer N~2~-ACETYL-L-GLUTAMINE
4 water water
#
_entity_poly.entity_id   1
_entity_poly.type   'polypeptide(L)'
_entity_poly.pdbx_seq_one_letter_code
;MTERPRDCRPVVRRARTSDVPAIKQLVDTYAGKILLEKNLVTLYEAVQEFWVAEHPDLYGKVVGCGALHVLWSDLGEIRT
VAVDPAMTGHGIGHAIVDRLLQVARDLQLQRVFVLTFETEFFARHGFTEIEGTPVTAEVFDEMCRSYDIGVAEFLDLSYV
KPNILGNSRMLLVLLEHHHHHH
;
_entity_poly.pdbx_strand_id   A,B
#
loop_
_chem_comp.id
_chem_comp.type
_chem_comp.name
_chem_comp.formula
COA non-polymer 'COENZYME A' 'C21 H36 N7 O16 P3 S'
#
# COMPACT_ATOMS: atom_id res chain seq x y z
N ASP A 7 5.13 24.64 -21.35
CA ASP A 7 5.70 23.29 -21.27
C ASP A 7 4.61 22.23 -21.47
N CYS A 8 5.00 21.09 -22.04
CA CYS A 8 4.04 20.04 -22.34
C CYS A 8 3.77 19.18 -21.12
N ARG A 9 2.61 18.54 -21.11
CA ARG A 9 2.21 17.69 -20.00
C ARG A 9 3.12 16.46 -19.93
N PRO A 10 3.69 16.16 -18.78
CA PRO A 10 4.58 15.02 -18.67
C PRO A 10 3.79 13.73 -18.54
N VAL A 11 4.49 12.63 -18.73
CA VAL A 11 3.91 11.31 -18.51
C VAL A 11 3.92 11.05 -17.02
N VAL A 12 2.76 10.73 -16.45
CA VAL A 12 2.63 10.32 -15.05
C VAL A 12 2.24 8.86 -15.08
N ARG A 13 3.06 8.02 -14.48
CA ARG A 13 2.91 6.57 -14.54
C ARG A 13 3.09 5.98 -13.15
N ARG A 14 2.66 4.73 -12.98
CA ARG A 14 2.85 4.06 -11.71
C ARG A 14 4.34 3.88 -11.41
N ALA A 15 4.70 4.05 -10.15
CA ALA A 15 6.10 3.91 -9.76
C ALA A 15 6.53 2.45 -9.94
N ARG A 16 7.82 2.26 -10.18
CA ARG A 16 8.46 0.96 -10.17
C ARG A 16 9.45 0.96 -9.00
N THR A 17 9.88 -0.24 -8.58
CA THR A 17 10.79 -0.26 -7.43
C THR A 17 12.07 0.49 -7.75
N SER A 18 12.51 0.47 -9.01
CA SER A 18 13.73 1.19 -9.34
C SER A 18 13.58 2.71 -9.20
N ASP A 19 12.34 3.21 -9.11
CA ASP A 19 12.16 4.63 -8.86
C ASP A 19 12.30 5.01 -7.39
N VAL A 20 12.22 4.04 -6.49
CA VAL A 20 12.10 4.36 -5.06
C VAL A 20 13.24 5.24 -4.54
N PRO A 21 14.52 4.96 -4.84
CA PRO A 21 15.57 5.90 -4.39
C PRO A 21 15.31 7.34 -4.84
N ALA A 22 14.88 7.56 -6.08
CA ALA A 22 14.59 8.92 -6.51
C ALA A 22 13.41 9.50 -5.75
N ILE A 23 12.37 8.68 -5.52
CA ILE A 23 11.26 9.15 -4.69
C ILE A 23 11.77 9.54 -3.31
N LYS A 24 12.64 8.71 -2.74
CA LYS A 24 13.23 8.99 -1.43
C LYS A 24 13.91 10.34 -1.41
N GLN A 25 14.70 10.65 -2.45
CA GLN A 25 15.38 11.94 -2.48
C GLN A 25 14.39 13.09 -2.63
N LEU A 26 13.31 12.90 -3.38
CA LEU A 26 12.29 13.93 -3.48
C LEU A 26 11.64 14.19 -2.12
N VAL A 27 11.37 13.14 -1.36
CA VAL A 27 10.75 13.30 -0.06
C VAL A 27 11.71 13.97 0.91
N ASP A 28 12.96 13.50 0.95
CA ASP A 28 13.95 14.05 1.87
C ASP A 28 14.17 15.53 1.63
N THR A 29 14.02 16.00 0.39
CA THR A 29 14.15 17.42 0.08
C THR A 29 13.18 18.25 0.90
N TYR A 30 11.96 17.78 1.09
CA TYR A 30 10.95 18.54 1.79
C TYR A 30 10.57 17.96 3.14
N ALA A 31 11.24 16.88 3.57
CA ALA A 31 10.86 16.20 4.80
C ALA A 31 11.02 17.10 6.01
N GLY A 32 10.06 17.01 6.93
CA GLY A 32 10.10 17.85 8.11
C GLY A 32 8.81 18.61 8.33
N LYS A 33 8.89 19.94 8.17
CA LYS A 33 7.70 20.78 8.29
C LYS A 33 6.74 20.55 7.13
N ILE A 34 7.27 20.37 5.92
CA ILE A 34 6.42 20.28 4.73
C ILE A 34 5.90 18.85 4.54
N LEU A 35 6.79 17.88 4.33
CA LEU A 35 6.38 16.51 4.08
C LEU A 35 6.68 15.62 5.28
N LEU A 36 5.75 14.71 5.55
CA LEU A 36 6.01 13.66 6.51
C LEU A 36 7.15 12.77 6.02
N GLU A 37 8.03 12.36 6.94
CA GLU A 37 9.20 11.55 6.59
C GLU A 37 8.78 10.19 6.02
N LYS A 38 9.60 9.67 5.11
CA LYS A 38 9.36 8.33 4.60
C LYS A 38 10.70 7.63 4.45
N ASN A 39 10.89 6.53 5.19
CA ASN A 39 12.11 5.78 5.01
C ASN A 39 11.97 4.79 3.84
N LEU A 40 13.10 4.19 3.46
CA LEU A 40 13.14 3.40 2.23
C LEU A 40 12.14 2.25 2.26
N VAL A 41 12.12 1.46 3.36
CA VAL A 41 11.24 0.30 3.40
C VAL A 41 9.79 0.74 3.25
N THR A 42 9.41 1.87 3.85
CA THR A 42 8.04 2.33 3.70
C THR A 42 7.71 2.67 2.24
N LEU A 43 8.67 3.30 1.54
CA LEU A 43 8.45 3.64 0.14
C LEU A 43 8.35 2.40 -0.74
N TYR A 44 9.18 1.38 -0.48
CA TYR A 44 9.07 0.13 -1.21
C TYR A 44 7.71 -0.51 -0.97
N GLU A 45 7.29 -0.58 0.29
CA GLU A 45 6.01 -1.18 0.66
C GLU A 45 4.83 -0.46 0.01
N ALA A 46 4.96 0.84 -0.24
CA ALA A 46 3.88 1.66 -0.76
C ALA A 46 3.99 1.87 -2.25
N VAL A 47 4.83 1.11 -2.94
CA VAL A 47 5.15 1.40 -4.34
C VAL A 47 3.92 1.17 -5.23
N GLN A 48 2.99 0.31 -4.81
CA GLN A 48 1.82 0.05 -5.63
C GLN A 48 0.75 1.14 -5.53
N GLU A 49 1.01 2.21 -4.78
CA GLU A 49 0.11 3.35 -4.77
C GLU A 49 0.82 4.65 -5.12
N PHE A 50 2.09 4.59 -5.51
CA PHE A 50 2.85 5.78 -5.86
C PHE A 50 2.86 5.98 -7.37
N TRP A 51 2.89 7.25 -7.75
CA TRP A 51 2.97 7.68 -9.14
C TRP A 51 4.13 8.64 -9.28
N VAL A 52 4.76 8.63 -10.45
CA VAL A 52 5.90 9.48 -10.72
C VAL A 52 5.70 10.15 -12.06
N ALA A 53 6.23 11.36 -12.16
CA ALA A 53 6.26 12.11 -13.40
C ALA A 53 7.63 11.90 -14.01
N GLU A 54 7.66 11.53 -15.28
CA GLU A 54 8.92 11.23 -15.93
C GLU A 54 9.61 12.52 -16.33
N HIS A 55 10.94 12.53 -16.19
CA HIS A 55 11.73 13.69 -16.58
C HIS A 55 11.44 14.04 -18.04
N PRO A 56 11.29 15.33 -18.38
CA PRO A 56 10.96 15.67 -19.76
C PRO A 56 12.03 15.26 -20.77
N ASP A 57 13.31 15.24 -20.38
CA ASP A 57 14.40 14.94 -21.30
C ASP A 57 15.28 13.75 -20.91
N LEU A 58 15.30 13.34 -19.66
CA LEU A 58 16.16 12.25 -19.22
C LEU A 58 15.38 10.94 -19.13
N TYR A 59 15.62 10.04 -20.07
CA TYR A 59 14.87 8.78 -20.10
C TYR A 59 15.05 8.04 -18.79
N GLY A 60 13.98 7.44 -18.30
CA GLY A 60 14.01 6.63 -17.09
C GLY A 60 14.20 7.40 -15.79
N LYS A 61 14.30 8.73 -15.84
CA LYS A 61 14.42 9.59 -14.66
C LYS A 61 13.07 10.22 -14.32
N VAL A 62 12.86 10.46 -13.03
CA VAL A 62 11.62 11.05 -12.50
C VAL A 62 11.87 12.43 -11.92
N VAL A 63 10.96 13.36 -12.17
CA VAL A 63 11.08 14.72 -11.64
C VAL A 63 10.03 15.05 -10.59
N GLY A 64 9.14 14.12 -10.29
CA GLY A 64 8.11 14.36 -9.30
C GLY A 64 7.51 13.06 -8.86
N CYS A 65 6.83 13.09 -7.72
CA CYS A 65 6.17 11.88 -7.23
C CYS A 65 4.92 12.28 -6.45
N GLY A 66 4.08 11.29 -6.20
CA GLY A 66 2.87 11.47 -5.44
C GLY A 66 2.16 10.14 -5.22
N ALA A 67 1.37 10.06 -4.15
CA ALA A 67 0.65 8.83 -3.84
C ALA A 67 -0.80 9.15 -3.53
N LEU A 68 -1.68 8.21 -3.84
CA LEU A 68 -3.08 8.23 -3.41
C LEU A 68 -3.24 7.12 -2.38
N HIS A 69 -3.58 7.50 -1.15
CA HIS A 69 -3.69 6.58 -0.02
C HIS A 69 -5.15 6.43 0.37
N VAL A 70 -5.66 5.20 0.34
CA VAL A 70 -7.04 4.94 0.73
C VAL A 70 -7.16 4.96 2.24
N LEU A 71 -8.15 5.73 2.75
CA LEU A 71 -8.43 5.87 4.17
C LEU A 71 -9.66 5.12 4.62
N TRP A 72 -10.65 4.94 3.74
CA TRP A 72 -11.89 4.28 4.10
C TRP A 72 -12.62 3.96 2.80
N SER A 73 -13.81 3.36 2.92
CA SER A 73 -14.51 2.88 1.73
C SER A 73 -14.74 3.99 0.71
N ASP A 74 -15.02 5.20 1.18
CA ASP A 74 -15.38 6.28 0.27
C ASP A 74 -14.40 7.45 0.33
N LEU A 75 -13.25 7.26 0.98
CA LEU A 75 -12.37 8.38 1.30
C LEU A 75 -10.92 8.03 1.00
N GLY A 76 -10.22 8.97 0.36
CA GLY A 76 -8.82 8.81 0.08
C GLY A 76 -8.07 10.09 0.43
N GLU A 77 -6.74 9.98 0.37
CA GLU A 77 -5.87 11.09 0.69
C GLU A 77 -4.79 11.20 -0.37
N ILE A 78 -4.54 12.41 -0.82
CA ILE A 78 -3.36 12.73 -1.60
C ILE A 78 -2.22 13.02 -0.63
N ARG A 79 -1.10 12.34 -0.80
CA ARG A 79 0.02 12.49 0.12
C ARG A 79 1.32 12.36 -0.65
N THR A 80 2.38 12.94 -0.07
CA THR A 80 3.73 12.73 -0.57
C THR A 80 3.87 13.19 -2.02
N VAL A 81 3.30 14.34 -2.34
CA VAL A 81 3.51 14.99 -3.63
C VAL A 81 4.77 15.84 -3.51
N ALA A 82 5.74 15.58 -4.38
CA ALA A 82 7.01 16.31 -4.33
C ALA A 82 7.54 16.47 -5.75
N VAL A 83 8.02 17.67 -6.06
CA VAL A 83 8.61 17.99 -7.35
C VAL A 83 10.02 18.49 -7.11
N ASP A 84 10.97 18.05 -7.93
CA ASP A 84 12.33 18.55 -7.89
C ASP A 84 12.31 20.08 -7.83
N PRO A 85 12.90 20.70 -6.82
CA PRO A 85 12.80 22.17 -6.68
C PRO A 85 13.29 22.93 -7.90
N ALA A 86 14.25 22.38 -8.64
CA ALA A 86 14.74 23.04 -9.83
C ALA A 86 13.83 22.87 -11.04
N MET A 87 12.72 22.13 -10.89
CA MET A 87 11.77 21.88 -11.98
C MET A 87 10.37 22.35 -11.64
N THR A 88 10.21 23.08 -10.56
CA THR A 88 8.89 23.56 -10.18
C THR A 88 8.42 24.66 -11.12
N GLY A 89 7.13 24.94 -11.09
CA GLY A 89 6.55 25.98 -11.92
C GLY A 89 6.47 25.65 -13.40
N HIS A 90 6.42 24.36 -13.76
CA HIS A 90 6.32 23.94 -15.15
C HIS A 90 5.12 23.02 -15.41
N GLY A 91 4.20 22.88 -14.46
CA GLY A 91 3.03 22.03 -14.60
C GLY A 91 3.16 20.60 -14.09
N ILE A 92 4.29 20.23 -13.49
CA ILE A 92 4.51 18.84 -13.09
C ILE A 92 3.65 18.50 -11.86
N GLY A 93 3.64 19.41 -10.86
CA GLY A 93 2.79 19.18 -9.70
C GLY A 93 1.34 18.96 -10.06
N HIS A 94 0.78 19.86 -10.87
CA HIS A 94 -0.63 19.72 -11.26
C HIS A 94 -0.87 18.46 -12.09
N ALA A 95 0.09 18.06 -12.92
CA ALA A 95 -0.12 16.84 -13.71
C ALA A 95 -0.17 15.60 -12.83
N ILE A 96 0.64 15.57 -11.76
CA ILE A 96 0.60 14.45 -10.84
C ILE A 96 -0.73 14.41 -10.09
N VAL A 97 -1.16 15.55 -9.57
CA VAL A 97 -2.43 15.62 -8.85
C VAL A 97 -3.59 15.23 -9.77
N ASP A 98 -3.53 15.66 -11.04
CA ASP A 98 -4.53 15.24 -12.01
C ASP A 98 -4.61 13.71 -12.08
N ARG A 99 -3.47 13.03 -12.21
CA ARG A 99 -3.49 11.57 -12.31
C ARG A 99 -3.93 10.93 -11.00
N LEU A 100 -3.51 11.50 -9.86
CA LEU A 100 -3.93 10.94 -8.57
C LEU A 100 -5.44 11.03 -8.40
N LEU A 101 -6.05 12.11 -8.87
CA LEU A 101 -7.49 12.26 -8.76
C LEU A 101 -8.22 11.25 -9.65
N GLN A 102 -7.64 10.89 -10.81
CA GLN A 102 -8.29 9.86 -11.62
C GLN A 102 -8.16 8.49 -11.00
N VAL A 103 -7.07 8.24 -10.24
CA VAL A 103 -6.97 6.99 -9.48
C VAL A 103 -8.10 6.92 -8.45
N ALA A 104 -8.35 8.03 -7.75
CA ALA A 104 -9.41 8.08 -6.74
C ALA A 104 -10.79 7.79 -7.32
N ARG A 105 -11.08 8.33 -8.51
CA ARG A 105 -12.37 8.05 -9.15
C ARG A 105 -12.46 6.61 -9.62
N ASP A 106 -11.39 6.08 -10.21
CA ASP A 106 -11.38 4.67 -10.57
C ASP A 106 -11.61 3.78 -9.36
N LEU A 107 -11.15 4.22 -8.18
CA LEU A 107 -11.40 3.50 -6.94
C LEU A 107 -12.75 3.82 -6.31
N GLN A 108 -13.60 4.60 -6.99
CA GLN A 108 -14.96 4.88 -6.52
C GLN A 108 -14.97 5.63 -5.20
N LEU A 109 -13.95 6.44 -4.95
CA LEU A 109 -13.96 7.28 -3.76
C LEU A 109 -14.80 8.53 -4.00
N GLN A 110 -15.53 8.95 -2.99
CA GLN A 110 -16.35 10.14 -3.12
C GLN A 110 -15.66 11.39 -2.59
N ARG A 111 -14.64 11.23 -1.75
CA ARG A 111 -13.97 12.36 -1.11
C ARG A 111 -12.47 12.11 -1.04
N VAL A 112 -11.70 13.17 -1.33
CA VAL A 112 -10.25 13.15 -1.29
C VAL A 112 -9.78 14.23 -0.34
N PHE A 113 -8.85 13.87 0.54
CA PHE A 113 -8.32 14.73 1.58
C PHE A 113 -6.88 15.09 1.26
N VAL A 114 -6.44 16.23 1.78
CA VAL A 114 -5.03 16.58 1.73
C VAL A 114 -4.74 17.54 2.90
N LEU A 115 -3.59 17.34 3.52
CA LEU A 115 -3.10 18.24 4.55
C LEU A 115 -1.87 18.94 3.99
N THR A 116 -1.93 20.27 3.90
CA THR A 116 -0.91 20.93 3.11
C THR A 116 -0.79 22.40 3.48
N PHE A 117 0.37 22.96 3.19
CA PHE A 117 0.53 24.40 3.18
C PHE A 117 0.21 25.00 1.83
N GLU A 118 0.23 24.20 0.76
CA GLU A 118 0.03 24.72 -0.60
C GLU A 118 -1.47 24.83 -0.88
N THR A 119 -2.09 25.77 -0.18
CA THR A 119 -3.54 25.94 -0.24
C THR A 119 -4.00 26.21 -1.67
N GLU A 120 -3.36 27.16 -2.31
CA GLU A 120 -3.76 27.56 -3.64
C GLU A 120 -3.49 26.50 -4.71
N PHE A 121 -2.37 25.79 -4.66
CA PHE A 121 -2.09 24.73 -5.60
C PHE A 121 -3.25 23.76 -5.63
N PHE A 122 -3.74 23.38 -4.45
CA PHE A 122 -4.83 22.42 -4.38
C PHE A 122 -6.20 23.04 -4.62
N ALA A 123 -6.35 24.35 -4.40
CA ALA A 123 -7.61 25.00 -4.75
C ALA A 123 -7.86 24.95 -6.24
N ARG A 124 -6.79 24.93 -7.05
CA ARG A 124 -6.97 24.84 -8.50
C ARG A 124 -7.73 23.57 -8.88
N HIS A 125 -7.64 22.52 -8.07
CA HIS A 125 -8.35 21.28 -8.33
C HIS A 125 -9.70 21.22 -7.62
N GLY A 126 -10.14 22.32 -6.99
CA GLY A 126 -11.42 22.35 -6.32
C GLY A 126 -11.38 22.02 -4.84
N PHE A 127 -10.21 21.73 -4.27
CA PHE A 127 -10.13 21.51 -2.84
C PHE A 127 -10.52 22.77 -2.08
N THR A 128 -11.30 22.61 -1.00
CA THR A 128 -11.67 23.71 -0.12
C THR A 128 -11.25 23.36 1.29
N GLU A 129 -10.95 24.39 2.08
CA GLU A 129 -10.53 24.17 3.45
C GLU A 129 -11.68 23.69 4.31
N ILE A 130 -11.36 22.80 5.25
CA ILE A 130 -12.32 22.27 6.19
C ILE A 130 -11.71 22.35 7.58
N GLU A 131 -12.55 22.15 8.58
CA GLU A 131 -12.07 22.04 9.95
C GLU A 131 -12.42 20.66 10.50
N GLY A 132 -11.51 20.11 11.30
CA GLY A 132 -11.81 18.87 11.98
C GLY A 132 -11.61 17.63 11.12
N THR A 133 -12.37 16.60 11.44
CA THR A 133 -12.19 15.28 10.84
C THR A 133 -13.52 14.79 10.29
N PRO A 134 -13.69 14.73 8.98
CA PRO A 134 -15.02 14.41 8.43
C PRO A 134 -15.28 12.92 8.28
N VAL A 135 -15.40 12.22 9.41
CA VAL A 135 -15.85 10.84 9.45
C VAL A 135 -16.74 10.70 10.68
N THR A 136 -17.60 9.67 10.65
CA THR A 136 -18.47 9.39 11.77
C THR A 136 -17.64 8.96 12.97
N ALA A 137 -18.27 8.99 14.16
CA ALA A 137 -17.59 8.53 15.36
C ALA A 137 -17.15 7.08 15.22
N GLU A 138 -17.96 6.25 14.55
CA GLU A 138 -17.61 4.84 14.41
C GLU A 138 -16.43 4.64 13.46
N VAL A 139 -16.42 5.34 12.33
CA VAL A 139 -15.28 5.25 11.42
C VAL A 139 -14.01 5.80 12.09
N PHE A 140 -14.16 6.86 12.88
CA PHE A 140 -13.03 7.45 13.59
C PHE A 140 -12.36 6.41 14.49
N ASP A 141 -13.16 5.64 15.22
CA ASP A 141 -12.60 4.65 16.13
C ASP A 141 -11.89 3.53 15.38
N GLU A 142 -12.43 3.11 14.24
CA GLU A 142 -11.76 2.12 13.41
C GLU A 142 -10.43 2.65 12.88
N MET A 143 -10.42 3.89 12.39
CA MET A 143 -9.23 4.46 11.79
C MET A 143 -8.13 4.67 12.81
N CYS A 144 -8.48 4.86 14.08
CA CYS A 144 -7.50 5.01 15.14
C CYS A 144 -6.60 3.79 15.26
N ARG A 145 -7.03 2.63 14.78
CA ARG A 145 -6.18 1.44 14.91
C ARG A 145 -5.08 1.38 13.86
N SER A 146 -5.04 2.34 12.94
CA SER A 146 -4.01 2.36 11.91
C SER A 146 -2.63 2.65 12.48
N TYR A 147 -1.63 2.02 11.90
CA TYR A 147 -0.25 2.31 12.26
C TYR A 147 0.33 3.47 11.45
N ASP A 148 -0.41 3.98 10.48
CA ASP A 148 0.11 4.99 9.58
C ASP A 148 0.05 6.37 10.23
N ILE A 149 1.19 7.09 10.22
CA ILE A 149 1.23 8.39 10.88
C ILE A 149 0.42 9.42 10.11
N GLY A 150 0.38 9.31 8.77
CA GLY A 150 -0.46 10.20 8.00
C GLY A 150 -1.92 10.08 8.39
N VAL A 151 -2.36 8.87 8.73
CA VAL A 151 -3.73 8.67 9.18
C VAL A 151 -3.98 9.43 10.50
N ALA A 152 -3.02 9.34 11.42
CA ALA A 152 -3.13 10.09 12.68
C ALA A 152 -3.18 11.58 12.43
N GLU A 153 -2.43 12.06 11.42
CA GLU A 153 -2.53 13.47 11.09
C GLU A 153 -3.92 13.79 10.53
N PHE A 154 -4.47 12.90 9.70
CA PHE A 154 -5.83 13.11 9.21
C PHE A 154 -6.83 13.13 10.35
N LEU A 155 -6.66 12.26 11.36
CA LEU A 155 -7.54 12.20 12.52
C LEU A 155 -7.30 13.31 13.52
N ASP A 156 -6.23 14.09 13.36
CA ASP A 156 -5.92 15.21 14.24
C ASP A 156 -5.62 14.73 15.67
N LEU A 157 -4.92 13.60 15.79
CA LEU A 157 -4.62 13.07 17.11
C LEU A 157 -3.64 14.00 17.83
N SER A 158 -3.72 13.99 19.16
CA SER A 158 -3.00 14.97 19.96
C SER A 158 -1.49 14.90 19.71
N TYR A 159 -0.93 13.69 19.66
CA TYR A 159 0.52 13.56 19.62
C TYR A 159 1.15 14.01 18.32
N VAL A 160 0.35 14.27 17.27
CA VAL A 160 0.88 14.82 16.03
C VAL A 160 0.50 16.29 15.81
N LYS A 161 -0.35 16.87 16.65
CA LYS A 161 -0.70 18.28 16.51
C LYS A 161 0.50 19.22 16.42
N PRO A 162 1.55 19.10 17.25
CA PRO A 162 2.69 20.03 17.11
C PRO A 162 3.38 19.95 15.76
N ASN A 163 3.35 18.81 15.08
CA ASN A 163 4.08 18.63 13.82
C ASN A 163 3.29 19.11 12.62
N ILE A 164 2.01 19.43 12.77
CA ILE A 164 1.16 19.80 11.64
C ILE A 164 0.62 21.22 11.76
N LEU A 165 1.10 21.99 12.74
CA LEU A 165 0.61 23.34 12.96
C LEU A 165 0.82 24.20 11.71
N GLY A 166 -0.22 24.93 11.32
CA GLY A 166 -0.15 25.78 10.17
C GLY A 166 -0.61 25.15 8.87
N ASN A 167 -0.71 23.82 8.84
CA ASN A 167 -1.22 23.16 7.65
C ASN A 167 -2.70 23.42 7.48
N SER A 168 -3.14 23.47 6.22
CA SER A 168 -4.57 23.57 5.92
C SER A 168 -5.13 22.17 5.68
N ARG A 169 -6.30 21.92 6.22
CA ARG A 169 -7.02 20.68 5.95
C ARG A 169 -8.01 20.96 4.82
N MET A 170 -7.90 20.19 3.74
CA MET A 170 -8.68 20.46 2.55
C MET A 170 -9.36 19.19 2.06
N LEU A 171 -10.51 19.38 1.43
CA LEU A 171 -11.33 18.26 0.97
C LEU A 171 -11.89 18.59 -0.41
N LEU A 172 -12.01 17.55 -1.23
CA LEU A 172 -12.62 17.64 -2.54
C LEU A 172 -13.69 16.57 -2.63
N VAL A 173 -14.92 16.97 -2.91
CA VAL A 173 -16.02 16.05 -3.15
C VAL A 173 -16.07 15.74 -4.63
N LEU A 174 -15.90 14.48 -4.99
CA LEU A 174 -15.97 14.06 -6.38
C LEU A 174 -17.42 13.77 -6.74
N PRO B 10 -11.71 -19.79 -12.63
CA PRO B 10 -11.52 -18.94 -11.44
C PRO B 10 -11.01 -17.53 -11.80
N VAL B 11 -11.91 -16.54 -11.84
CA VAL B 11 -11.54 -15.16 -12.15
C VAL B 11 -10.96 -14.51 -10.90
N VAL B 12 -9.74 -13.99 -11.03
CA VAL B 12 -9.04 -13.23 -10.00
C VAL B 12 -8.86 -11.82 -10.52
N ARG B 13 -9.32 -10.84 -9.74
CA ARG B 13 -9.32 -9.45 -10.17
C ARG B 13 -8.83 -8.56 -9.02
N ARG B 14 -8.46 -7.33 -9.36
CA ARG B 14 -8.01 -6.41 -8.32
C ARG B 14 -9.18 -6.09 -7.37
N ALA B 15 -8.85 -5.92 -6.09
CA ALA B 15 -9.90 -5.66 -5.12
C ALA B 15 -10.46 -4.26 -5.30
N ARG B 16 -11.72 -4.09 -4.91
CA ARG B 16 -12.34 -2.78 -4.81
C ARG B 16 -12.68 -2.52 -3.35
N THR B 17 -12.89 -1.25 -3.01
CA THR B 17 -13.22 -0.94 -1.61
C THR B 17 -14.51 -1.63 -1.18
N SER B 18 -15.44 -1.88 -2.12
CA SER B 18 -16.65 -2.62 -1.77
C SER B 18 -16.38 -4.07 -1.41
N ASP B 19 -15.20 -4.60 -1.75
CA ASP B 19 -14.84 -5.96 -1.36
C ASP B 19 -14.28 -6.05 0.06
N VAL B 20 -13.88 -4.92 0.65
CA VAL B 20 -13.15 -4.98 1.93
C VAL B 20 -13.95 -5.68 3.03
N PRO B 21 -15.26 -5.40 3.22
CA PRO B 21 -15.99 -6.20 4.22
C PRO B 21 -15.88 -7.71 3.97
N ALA B 22 -16.01 -8.16 2.72
CA ALA B 22 -15.84 -9.58 2.45
C ALA B 22 -14.40 -10.04 2.72
N ILE B 23 -13.40 -9.24 2.36
CA ILE B 23 -12.01 -9.60 2.69
C ILE B 23 -11.85 -9.71 4.20
N LYS B 24 -12.38 -8.74 4.95
CA LYS B 24 -12.29 -8.76 6.40
C LYS B 24 -12.87 -10.06 6.98
N GLN B 25 -14.01 -10.49 6.46
CA GLN B 25 -14.62 -11.72 6.96
C GLN B 25 -13.75 -12.94 6.62
N LEU B 26 -13.09 -12.92 5.46
CA LEU B 26 -12.18 -14.01 5.13
C LEU B 26 -11.00 -14.05 6.09
N VAL B 27 -10.41 -12.88 6.40
CA VAL B 27 -9.25 -12.86 7.28
C VAL B 27 -9.64 -13.31 8.69
N ASP B 28 -10.73 -12.76 9.22
CA ASP B 28 -11.18 -13.11 10.56
C ASP B 28 -11.46 -14.61 10.71
N THR B 29 -11.89 -15.26 9.63
CA THR B 29 -12.09 -16.71 9.71
C THR B 29 -10.83 -17.42 10.18
N TYR B 30 -9.66 -17.00 9.70
CA TYR B 30 -8.40 -17.66 10.00
C TYR B 30 -7.46 -16.84 10.88
N ALA B 31 -7.87 -15.65 11.31
CA ALA B 31 -6.99 -14.78 12.07
C ALA B 31 -6.60 -15.44 13.40
N GLY B 32 -5.35 -15.24 13.80
CA GLY B 32 -4.82 -15.82 15.03
C GLY B 32 -3.52 -16.58 14.81
N LYS B 33 -3.55 -17.90 15.00
CA LYS B 33 -2.35 -18.69 14.73
C LYS B 33 -2.08 -18.76 13.24
N ILE B 34 -3.14 -18.87 12.42
CA ILE B 34 -2.95 -19.10 10.99
C ILE B 34 -2.63 -17.79 10.28
N LEU B 35 -3.54 -16.82 10.30
CA LEU B 35 -3.36 -15.55 9.60
C LEU B 35 -3.12 -14.44 10.60
N LEU B 36 -2.22 -13.53 10.26
CA LEU B 36 -2.08 -12.30 11.04
C LEU B 36 -3.34 -11.46 10.90
N GLU B 37 -3.77 -10.87 12.02
CA GLU B 37 -5.00 -10.07 12.07
C GLU B 37 -4.90 -8.87 11.13
N LYS B 38 -6.05 -8.44 10.62
CA LYS B 38 -6.13 -7.22 9.83
C LYS B 38 -7.39 -6.49 10.23
N ASN B 39 -7.24 -5.28 10.74
CA ASN B 39 -8.44 -4.52 11.02
C ASN B 39 -8.93 -3.81 9.75
N LEU B 40 -10.13 -3.22 9.85
CA LEU B 40 -10.77 -2.68 8.65
C LEU B 40 -9.91 -1.58 8.00
N VAL B 41 -9.37 -0.67 8.82
CA VAL B 41 -8.65 0.47 8.22
C VAL B 41 -7.44 -0.01 7.44
N THR B 42 -6.72 -0.99 7.98
CA THR B 42 -5.54 -1.55 7.33
C THR B 42 -5.90 -2.19 6.00
N LEU B 43 -7.07 -2.84 5.95
CA LEU B 43 -7.52 -3.41 4.69
C LEU B 43 -7.89 -2.34 3.67
N TYR B 44 -8.54 -1.24 4.11
CA TYR B 44 -8.80 -0.16 3.16
C TYR B 44 -7.49 0.42 2.66
N GLU B 45 -6.53 0.65 3.58
CA GLU B 45 -5.24 1.21 3.21
C GLU B 45 -4.50 0.31 2.23
N ALA B 46 -4.72 -1.00 2.28
CA ALA B 46 -3.98 -1.94 1.45
C ALA B 46 -4.75 -2.40 0.22
N VAL B 47 -5.85 -1.73 -0.12
CA VAL B 47 -6.75 -2.24 -1.15
C VAL B 47 -6.09 -2.25 -2.53
N GLN B 48 -5.12 -1.37 -2.78
CA GLN B 48 -4.46 -1.30 -4.07
C GLN B 48 -3.41 -2.40 -4.25
N GLU B 49 -3.26 -3.30 -3.28
CA GLU B 49 -2.42 -4.46 -3.46
C GLU B 49 -3.18 -5.76 -3.21
N PHE B 50 -4.48 -5.69 -2.95
CA PHE B 50 -5.26 -6.89 -2.70
C PHE B 50 -5.97 -7.34 -3.97
N TRP B 51 -6.14 -8.65 -4.08
CA TRP B 51 -6.82 -9.29 -5.17
C TRP B 51 -7.88 -10.22 -4.60
N VAL B 52 -8.96 -10.44 -5.36
CA VAL B 52 -10.07 -11.27 -4.92
C VAL B 52 -10.47 -12.25 -6.02
N ALA B 53 -10.98 -13.41 -5.59
CA ALA B 53 -11.56 -14.41 -6.47
C ALA B 53 -13.08 -14.42 -6.32
N GLU B 54 -13.79 -14.41 -7.44
CA GLU B 54 -15.26 -14.42 -7.43
C GLU B 54 -15.82 -15.83 -7.57
N HIS B 55 -16.95 -16.05 -6.91
CA HIS B 55 -17.69 -17.31 -7.04
C HIS B 55 -17.97 -17.61 -8.51
N PRO B 56 -17.80 -18.86 -8.95
CA PRO B 56 -17.94 -19.15 -10.38
C PRO B 56 -19.30 -18.85 -10.97
N ASP B 57 -20.39 -19.07 -10.22
CA ASP B 57 -21.73 -18.92 -10.77
C ASP B 57 -22.55 -17.84 -10.10
N LEU B 58 -22.21 -17.45 -8.89
CA LEU B 58 -22.83 -16.30 -8.25
C LEU B 58 -21.89 -15.16 -8.56
N TYR B 59 -22.30 -14.31 -9.52
CA TYR B 59 -21.45 -13.22 -9.96
C TYR B 59 -21.07 -12.40 -8.76
N GLY B 60 -19.87 -11.79 -8.78
CA GLY B 60 -19.56 -10.75 -7.83
C GLY B 60 -19.51 -11.13 -6.35
N LYS B 61 -19.70 -12.41 -6.00
CA LYS B 61 -19.56 -12.80 -4.60
C LYS B 61 -18.10 -13.18 -4.41
N VAL B 62 -17.52 -12.79 -3.30
CA VAL B 62 -16.08 -12.96 -3.10
C VAL B 62 -15.88 -14.17 -2.20
N VAL B 63 -15.10 -15.13 -2.69
CA VAL B 63 -14.84 -16.39 -2.00
C VAL B 63 -13.38 -16.54 -1.62
N GLY B 64 -12.51 -15.61 -2.01
CA GLY B 64 -11.11 -15.68 -1.68
C GLY B 64 -10.43 -14.34 -1.87
N CYS B 65 -9.29 -14.18 -1.20
CA CYS B 65 -8.54 -12.95 -1.31
C CYS B 65 -7.05 -13.27 -1.17
N GLY B 66 -6.23 -12.28 -1.52
CA GLY B 66 -4.79 -12.42 -1.38
C GLY B 66 -4.07 -11.13 -1.74
N ALA B 67 -2.91 -10.88 -1.16
CA ALA B 67 -2.20 -9.64 -1.44
C ALA B 67 -0.75 -9.93 -1.71
N LEU B 68 -0.15 -9.10 -2.56
CA LEU B 68 1.29 -9.11 -2.77
C LEU B 68 1.85 -7.83 -2.17
N HIS B 69 2.72 -7.98 -1.17
CA HIS B 69 3.28 -6.86 -0.43
C HIS B 69 4.76 -6.75 -0.77
N VAL B 70 5.16 -5.60 -1.29
CA VAL B 70 6.56 -5.38 -1.64
C VAL B 70 7.37 -5.15 -0.37
N LEU B 71 8.50 -5.85 -0.25
CA LEU B 71 9.37 -5.73 0.91
C LEU B 71 10.64 -4.94 0.64
N TRP B 72 11.14 -4.97 -0.57
CA TRP B 72 12.38 -4.30 -0.94
C TRP B 72 12.39 -4.26 -2.47
N SER B 73 13.46 -3.72 -3.04
CA SER B 73 13.51 -3.49 -4.48
C SER B 73 13.29 -4.77 -5.27
N ASP B 74 13.79 -5.90 -4.75
CA ASP B 74 13.79 -7.16 -5.47
C ASP B 74 13.01 -8.26 -4.76
N LEU B 75 12.24 -7.91 -3.73
CA LEU B 75 11.67 -8.88 -2.81
C LEU B 75 10.24 -8.53 -2.51
N GLY B 76 9.36 -9.53 -2.61
CA GLY B 76 7.97 -9.36 -2.27
C GLY B 76 7.51 -10.52 -1.40
N GLU B 77 6.30 -10.37 -0.85
CA GLU B 77 5.75 -11.40 0.03
C GLU B 77 4.30 -11.64 -0.35
N ILE B 78 3.92 -12.91 -0.45
CA ILE B 78 2.51 -13.28 -0.53
C ILE B 78 1.95 -13.36 0.87
N ARG B 79 0.83 -12.70 1.11
CA ARG B 79 0.25 -12.60 2.45
C ARG B 79 -1.27 -12.58 2.37
N THR B 80 -1.90 -12.96 3.48
CA THR B 80 -3.35 -12.80 3.64
C THR B 80 -4.08 -13.52 2.52
N VAL B 81 -3.61 -14.71 2.17
CA VAL B 81 -4.34 -15.58 1.26
C VAL B 81 -5.34 -16.37 2.08
N ALA B 82 -6.62 -16.23 1.76
CA ALA B 82 -7.69 -16.90 2.49
C ALA B 82 -8.80 -17.25 1.51
N VAL B 83 -9.31 -18.47 1.63
CA VAL B 83 -10.41 -18.95 0.80
C VAL B 83 -11.56 -19.33 1.71
N ASP B 84 -12.77 -18.91 1.35
CA ASP B 84 -13.99 -19.28 2.04
C ASP B 84 -14.02 -20.79 2.30
N PRO B 85 -14.15 -21.22 3.55
CA PRO B 85 -14.09 -22.66 3.85
C PRO B 85 -15.08 -23.50 3.06
N ALA B 86 -16.23 -22.94 2.68
CA ALA B 86 -17.22 -23.67 1.90
C ALA B 86 -16.88 -23.74 0.41
N MET B 87 -15.78 -23.14 -0.03
CA MET B 87 -15.37 -23.11 -1.42
C MET B 87 -13.94 -23.60 -1.65
N THR B 88 -13.32 -24.23 -0.66
CA THR B 88 -11.97 -24.75 -0.79
C THR B 88 -11.95 -25.95 -1.73
N GLY B 89 -10.74 -26.32 -2.16
CA GLY B 89 -10.57 -27.49 -3.00
C GLY B 89 -11.11 -27.37 -4.40
N HIS B 90 -11.26 -26.15 -4.92
CA HIS B 90 -11.78 -25.92 -6.26
C HIS B 90 -10.77 -25.17 -7.12
N GLY B 91 -9.55 -25.01 -6.65
CA GLY B 91 -8.54 -24.28 -7.40
C GLY B 91 -8.46 -22.81 -7.07
N ILE B 92 -9.21 -22.33 -6.08
CA ILE B 92 -9.28 -20.90 -5.83
C ILE B 92 -7.99 -20.42 -5.17
N GLY B 93 -7.54 -21.10 -4.12
CA GLY B 93 -6.29 -20.70 -3.50
C GLY B 93 -5.14 -20.64 -4.50
N HIS B 94 -4.95 -21.71 -5.27
CA HIS B 94 -3.86 -21.76 -6.24
C HIS B 94 -3.99 -20.69 -7.31
N ALA B 95 -5.22 -20.37 -7.72
CA ALA B 95 -5.39 -19.33 -8.74
C ALA B 95 -5.01 -17.97 -8.20
N ILE B 96 -5.31 -17.70 -6.93
CA ILE B 96 -4.91 -16.42 -6.36
C ILE B 96 -3.39 -16.32 -6.33
N VAL B 97 -2.72 -17.37 -5.88
CA VAL B 97 -1.26 -17.36 -5.80
C VAL B 97 -0.66 -17.17 -7.18
N ASP B 98 -1.25 -17.80 -8.21
CA ASP B 98 -0.79 -17.61 -9.58
C ASP B 98 -0.82 -16.13 -9.97
N ARG B 99 -1.94 -15.45 -9.70
CA ARG B 99 -2.04 -14.05 -10.07
C ARG B 99 -1.10 -13.19 -9.25
N LEU B 100 -1.00 -13.46 -7.95
CA LEU B 100 -0.08 -12.70 -7.11
C LEU B 100 1.37 -12.87 -7.58
N LEU B 101 1.72 -14.06 -8.06
CA LEU B 101 3.09 -14.25 -8.55
C LEU B 101 3.31 -13.46 -9.84
N GLN B 102 2.28 -13.35 -10.68
CA GLN B 102 2.43 -12.57 -11.90
C GLN B 102 2.52 -11.09 -11.58
N VAL B 103 1.89 -10.64 -10.49
CA VAL B 103 2.10 -9.27 -10.03
C VAL B 103 3.55 -9.06 -9.64
N ALA B 104 4.12 -10.03 -8.91
CA ALA B 104 5.52 -9.91 -8.54
C ALA B 104 6.40 -9.80 -9.79
N ARG B 105 6.05 -10.55 -10.83
CA ARG B 105 6.81 -10.48 -12.07
C ARG B 105 6.63 -9.11 -12.74
N ASP B 106 5.39 -8.62 -12.81
CA ASP B 106 5.13 -7.31 -13.41
C ASP B 106 5.85 -6.20 -12.66
N LEU B 107 6.04 -6.33 -11.35
CA LEU B 107 6.79 -5.38 -10.55
C LEU B 107 8.30 -5.63 -10.57
N GLN B 108 8.77 -6.62 -11.34
CA GLN B 108 10.19 -6.91 -11.55
C GLN B 108 10.87 -7.36 -10.26
N LEU B 109 10.13 -8.05 -9.41
CA LEU B 109 10.70 -8.66 -8.22
C LEU B 109 11.40 -9.97 -8.61
N GLN B 110 12.53 -10.27 -7.97
CA GLN B 110 13.23 -11.51 -8.25
C GLN B 110 12.92 -12.62 -7.27
N ARG B 111 12.41 -12.28 -6.08
CA ARG B 111 12.17 -13.27 -5.03
C ARG B 111 10.85 -12.96 -4.35
N VAL B 112 10.09 -14.01 -4.04
CA VAL B 112 8.83 -13.90 -3.30
C VAL B 112 8.94 -14.76 -2.06
N PHE B 113 8.52 -14.20 -0.93
CA PHE B 113 8.55 -14.84 0.37
C PHE B 113 7.14 -15.21 0.79
N VAL B 114 7.04 -16.23 1.64
CA VAL B 114 5.78 -16.49 2.30
C VAL B 114 6.07 -17.20 3.61
N LEU B 115 5.33 -16.82 4.66
CA LEU B 115 5.39 -17.44 5.98
C LEU B 115 4.07 -18.18 6.18
N THR B 116 4.15 -19.50 6.36
CA THR B 116 2.92 -20.27 6.30
C THR B 116 3.09 -21.64 6.95
N PHE B 117 1.95 -22.20 7.38
CA PHE B 117 1.89 -23.62 7.71
C PHE B 117 1.57 -24.49 6.49
N GLU B 118 1.04 -23.91 5.42
CA GLU B 118 0.62 -24.69 4.25
C GLU B 118 1.82 -24.92 3.33
N THR B 119 2.74 -25.76 3.83
CA THR B 119 4.02 -26.00 3.16
C THR B 119 3.83 -26.61 1.77
N GLU B 120 3.01 -27.65 1.67
CA GLU B 120 2.91 -28.35 0.40
C GLU B 120 2.06 -27.59 -0.61
N PHE B 121 1.03 -26.88 -0.15
CA PHE B 121 0.26 -26.00 -1.03
C PHE B 121 1.18 -25.03 -1.78
N PHE B 122 2.09 -24.36 -1.06
CA PHE B 122 3.00 -23.42 -1.70
C PHE B 122 4.15 -24.11 -2.43
N ALA B 123 4.48 -25.35 -2.06
CA ALA B 123 5.49 -26.09 -2.82
C ALA B 123 5.03 -26.33 -4.26
N ARG B 124 3.70 -26.36 -4.50
CA ARG B 124 3.19 -26.53 -5.86
C ARG B 124 3.66 -25.43 -6.80
N HIS B 125 3.92 -24.24 -6.27
CA HIS B 125 4.35 -23.10 -7.06
C HIS B 125 5.86 -22.94 -7.08
N GLY B 126 6.61 -23.91 -6.57
CA GLY B 126 8.06 -23.84 -6.59
C GLY B 126 8.69 -23.26 -5.35
N PHE B 127 7.89 -22.83 -4.37
CA PHE B 127 8.43 -22.36 -3.10
C PHE B 127 9.15 -23.52 -2.40
N THR B 128 10.30 -23.22 -1.80
CA THR B 128 10.99 -24.21 -0.98
C THR B 128 11.24 -23.60 0.40
N GLU B 129 11.36 -24.46 1.40
CA GLU B 129 11.61 -23.98 2.76
C GLU B 129 13.00 -23.40 2.86
N ILE B 130 13.13 -22.33 3.64
CA ILE B 130 14.42 -21.69 3.88
C ILE B 130 14.58 -21.50 5.38
N GLU B 131 15.82 -21.22 5.79
CA GLU B 131 16.11 -20.83 7.15
C GLU B 131 16.58 -19.39 7.15
N GLY B 132 16.18 -18.65 8.17
CA GLY B 132 16.66 -17.30 8.36
C GLY B 132 15.95 -16.26 7.51
N THR B 133 16.65 -15.15 7.28
CA THR B 133 16.09 -13.99 6.59
C THR B 133 17.06 -13.60 5.49
N PRO B 134 16.70 -13.82 4.23
CA PRO B 134 17.65 -13.63 3.12
C PRO B 134 17.72 -12.20 2.60
N VAL B 135 18.28 -11.30 3.40
CA VAL B 135 18.61 -9.95 2.95
C VAL B 135 19.95 -9.61 3.59
N THR B 136 20.67 -8.67 2.96
CA THR B 136 21.94 -8.22 3.52
C THR B 136 21.72 -7.55 4.87
N ALA B 137 22.81 -7.43 5.65
CA ALA B 137 22.73 -6.76 6.95
C ALA B 137 22.23 -5.34 6.82
N GLU B 138 22.64 -4.66 5.74
CA GLU B 138 22.24 -3.28 5.49
C GLU B 138 20.76 -3.19 5.18
N VAL B 139 20.26 -4.08 4.32
CA VAL B 139 18.84 -4.09 4.02
C VAL B 139 18.04 -4.49 5.26
N PHE B 140 18.58 -5.43 6.03
CA PHE B 140 17.91 -5.84 7.26
C PHE B 140 17.66 -4.65 8.18
N ASP B 141 18.69 -3.82 8.38
CA ASP B 141 18.53 -2.65 9.25
C ASP B 141 17.53 -1.65 8.69
N GLU B 142 17.52 -1.47 7.37
CA GLU B 142 16.51 -0.58 6.77
C GLU B 142 15.10 -1.11 7.01
N MET B 143 14.90 -2.41 6.79
CA MET B 143 13.55 -2.95 6.90
C MET B 143 13.01 -2.95 8.32
N CYS B 144 13.89 -2.98 9.33
CA CYS B 144 13.47 -2.93 10.72
C CYS B 144 12.73 -1.63 11.07
N ARG B 145 12.89 -0.56 10.27
CA ARG B 145 12.15 0.65 10.58
C ARG B 145 10.71 0.61 10.09
N SER B 146 10.32 -0.46 9.41
CA SER B 146 8.95 -0.58 8.94
C SER B 146 7.99 -0.68 10.13
N TYR B 147 6.80 -0.12 9.95
CA TYR B 147 5.71 -0.23 10.93
C TYR B 147 4.83 -1.45 10.70
N ASP B 148 5.01 -2.16 9.59
CA ASP B 148 4.14 -3.28 9.24
C ASP B 148 4.54 -4.53 10.01
N ILE B 149 3.57 -5.17 10.67
CA ILE B 149 3.88 -6.33 11.48
C ILE B 149 4.29 -7.52 10.62
N GLY B 150 3.72 -7.64 9.42
CA GLY B 150 4.17 -8.68 8.51
C GLY B 150 5.64 -8.57 8.17
N VAL B 151 6.14 -7.33 8.04
CA VAL B 151 7.57 -7.14 7.81
C VAL B 151 8.37 -7.66 9.00
N ALA B 152 7.95 -7.32 10.23
CA ALA B 152 8.65 -7.81 11.41
C ALA B 152 8.62 -9.34 11.45
N GLU B 153 7.52 -9.95 11.03
CA GLU B 153 7.48 -11.42 10.96
C GLU B 153 8.45 -11.94 9.92
N PHE B 154 8.58 -11.28 8.77
CA PHE B 154 9.58 -11.72 7.79
C PHE B 154 10.98 -11.60 8.35
N LEU B 155 11.23 -10.53 9.09
CA LEU B 155 12.53 -10.27 9.69
C LEU B 155 12.79 -11.10 10.95
N ASP B 156 11.77 -11.80 11.47
CA ASP B 156 11.94 -12.67 12.65
C ASP B 156 12.35 -11.86 13.88
N LEU B 157 11.79 -10.68 14.02
CA LEU B 157 12.12 -9.81 15.15
C LEU B 157 11.61 -10.39 16.47
N SER B 158 12.29 -10.05 17.56
CA SER B 158 12.01 -10.70 18.84
C SER B 158 10.54 -10.57 19.23
N TYR B 159 9.98 -9.38 19.10
CA TYR B 159 8.65 -9.18 19.66
C TYR B 159 7.55 -9.90 18.90
N VAL B 160 7.83 -10.45 17.71
CA VAL B 160 6.84 -11.27 17.01
C VAL B 160 7.19 -12.74 17.02
N LYS B 161 8.34 -13.14 17.56
CA LYS B 161 8.69 -14.56 17.64
C LYS B 161 7.61 -15.42 18.30
N PRO B 162 6.98 -15.01 19.41
CA PRO B 162 5.94 -15.86 20.02
C PRO B 162 4.76 -16.15 19.11
N ASN B 163 4.45 -15.28 18.17
CA ASN B 163 3.26 -15.42 17.34
C ASN B 163 3.48 -16.25 16.08
N ILE B 164 4.74 -16.59 15.74
CA ILE B 164 4.97 -17.26 14.47
C ILE B 164 5.63 -18.62 14.62
N LEU B 165 5.77 -19.10 15.86
CA LEU B 165 6.42 -20.38 16.11
C LEU B 165 5.69 -21.51 15.39
N GLY B 166 6.44 -22.32 14.64
CA GLY B 166 5.89 -23.43 13.89
C GLY B 166 5.61 -23.16 12.42
N ASN B 167 5.59 -21.90 12.00
CA ASN B 167 5.41 -21.57 10.60
C ASN B 167 6.64 -21.97 9.80
N SER B 168 6.43 -22.32 8.55
CA SER B 168 7.54 -22.56 7.65
C SER B 168 7.85 -21.28 6.89
N ARG B 169 9.13 -20.97 6.74
CA ARG B 169 9.59 -19.87 5.92
C ARG B 169 9.93 -20.41 4.54
N MET B 170 9.35 -19.81 3.51
CA MET B 170 9.47 -20.32 2.16
C MET B 170 9.82 -19.19 1.20
N LEU B 171 10.53 -19.56 0.13
CA LEU B 171 10.99 -18.58 -0.83
C LEU B 171 10.88 -19.17 -2.24
N LEU B 172 10.59 -18.30 -3.20
CA LEU B 172 10.56 -18.68 -4.61
C LEU B 172 11.41 -17.68 -5.37
N VAL B 173 12.39 -18.19 -6.11
CA VAL B 173 13.18 -17.38 -7.02
C VAL B 173 12.43 -17.37 -8.34
N LEU B 174 12.08 -16.17 -8.84
CA LEU B 174 11.31 -16.05 -10.07
C LEU B 174 12.21 -16.13 -11.30
N LEU B 175 11.79 -16.92 -12.29
CA LEU B 175 12.55 -17.17 -13.53
C LEU B 175 13.07 -15.91 -14.25
N1A COA C . 2.15 24.39 -17.35
C2A COA C . 1.31 24.34 -16.32
N3A COA C . 1.47 25.20 -15.26
C4A COA C . 2.46 26.11 -15.27
C5A COA C . 3.29 26.17 -16.31
C6A COA C . 3.14 25.30 -17.37
N6A COA C . 3.88 25.14 -18.59
N7A COA C . 4.19 27.18 -16.07
C8A COA C . 3.89 27.72 -14.88
N9A COA C . 2.83 27.06 -14.39
C1B COA C . 2.53 27.65 -13.14
C2B COA C . 1.26 27.38 -12.85
O2B COA C . 0.43 28.50 -13.19
C3B COA C . 1.18 27.13 -11.25
O3B COA C . 0.52 28.23 -10.65
P3B COA C . -0.98 27.92 -9.99
O7A COA C . -1.54 29.22 -9.43
O8A COA C . -1.90 27.35 -11.05
O9A COA C . -0.83 26.91 -8.84
C4B COA C . 2.45 27.02 -10.76
O4B COA C . 3.35 26.92 -12.00
C5B COA C . 2.54 25.71 -9.95
O5B COA C . 1.96 24.71 -10.72
P1A COA C . 2.86 23.33 -11.05
O1A COA C . 4.09 23.68 -11.84
O2A COA C . 2.04 22.37 -11.80
O3A COA C . 3.29 22.65 -9.61
P2A COA C . 4.88 22.37 -9.19
O4A COA C . 5.48 21.46 -10.24
O5A COA C . 5.69 23.68 -9.07
O6A COA C . 4.88 21.63 -7.69
CBP COA C . 4.39 21.49 -5.35
CCP COA C . 3.98 22.09 -6.71
CDP COA C . 3.70 22.23 -4.27
CEP COA C . 3.96 20.02 -5.28
CAP COA C . 5.94 21.61 -5.20
OAP COA C . 6.28 22.96 -5.04
C9P COA C . 6.43 20.81 -4.01
O9P COA C . 6.90 19.70 -4.19
N8P COA C . 6.36 21.36 -2.67
C7P COA C . 6.81 20.60 -1.51
C6P COA C . 5.92 19.33 -1.26
C5P COA C . 4.46 19.73 -0.97
O5P COA C . 4.18 20.83 -0.53
N4P COA C . 3.39 18.77 -1.23
C3P COA C . 1.94 19.11 -0.96
C2P COA C . 1.46 18.27 0.20
S1P COA C . 1.48 16.50 -0.16
OXT NLQ D . 1.01 16.59 3.17
C NLQ D . 0.67 15.84 4.25
O NLQ D . -0.50 15.46 4.34
CA NLQ D . 1.82 15.57 5.22
N NLQ D . 2.86 14.69 4.69
C6 NLQ D . 2.98 14.10 3.44
O4 NLQ D . 2.17 14.29 2.52
C7 NLQ D . 4.18 13.19 3.22
CB NLQ D . 2.34 16.96 5.66
CG NLQ D . 2.25 17.19 7.16
CD NLQ D . 3.56 17.03 7.92
NE2 NLQ D . 3.76 15.94 8.74
OE1 NLQ D . 4.51 17.83 7.83
N1A COA E . -6.01 -26.15 -9.44
C2A COA E . -5.23 -26.56 -8.43
N3A COA E . -5.74 -27.43 -7.51
C4A COA E . -7.02 -27.86 -7.60
C5A COA E . -7.79 -27.46 -8.60
C6A COA E . -7.27 -26.58 -9.54
N6A COA E . -7.85 -25.97 -10.70
N7A COA E . -9.02 -28.05 -8.45
C8A COA E . -8.98 -28.82 -7.34
N9A COA E . -7.73 -28.69 -6.83
C1B COA E . -7.67 -29.50 -5.67
C2B COA E . -6.44 -30.00 -5.56
O2B COA E . -6.52 -31.37 -5.12
C3B COA E . -5.64 -29.08 -4.46
O3B COA E . -4.68 -29.91 -3.79
P3B COA E . -3.08 -29.45 -3.77
O7A COA E . -2.64 -29.23 -5.23
O8A COA E . -2.91 -28.18 -2.97
O9A COA E . -2.25 -30.52 -3.11
C4B COA E . -6.57 -28.68 -3.57
O4B COA E . -7.87 -28.58 -4.38
C5B COA E . -6.25 -27.32 -2.91
O5B COA E . -5.94 -26.36 -3.87
P1A COA E . -6.87 -25.00 -4.01
O1A COA E . -8.33 -25.41 -4.10
O2A COA E . -6.51 -24.16 -5.19
O3A COA E . -6.68 -24.04 -2.69
P2A COA E . -7.93 -23.67 -1.67
O4A COA E . -8.50 -24.93 -1.08
O5A COA E . -9.04 -22.83 -2.32
O6A COA E . -7.21 -22.74 -0.48
CBP COA E . -5.74 -22.31 1.28
CCP COA E . -5.96 -23.17 0.02
CDP COA E . -4.55 -22.84 1.98
CEP COA E . -5.56 -20.86 0.81
CAP COA E . -6.96 -22.37 2.26
OAP COA E . -6.98 -23.60 2.90
C9P COA E . -6.88 -21.30 3.31
O9P COA E . -7.49 -20.25 3.17
N8P COA E . -6.12 -21.54 4.51
C7P COA E . -6.02 -20.55 5.55
C6P COA E . -5.24 -19.30 5.04
C5P COA E . -3.79 -19.75 4.87
O5P COA E . -3.38 -20.74 5.49
N4P COA E . -2.98 -19.00 3.94
C3P COA E . -1.55 -19.32 3.68
C2P COA E . -0.71 -18.27 4.39
S1P COA E . -0.92 -16.65 3.63
OXT NLQ F . 2.04 -14.86 6.38
C NLQ F . 2.24 -14.49 7.52
O NLQ F . 3.23 -13.75 7.84
CA NLQ F . 1.15 -14.90 8.44
N NLQ F . 0.12 -15.15 7.47
C6 NLQ F . -0.52 -14.16 6.88
O4 NLQ F . -0.18 -13.75 5.85
C7 NLQ F . -1.61 -13.55 7.60
CB NLQ F . 1.45 -16.05 9.40
CG NLQ F . 1.77 -15.73 10.88
CD NLQ F . 0.66 -15.33 11.85
NE2 NLQ F . -0.45 -16.03 11.87
OE1 NLQ F . 0.72 -14.40 12.61
#